data_2OOQ
#
_entry.id   2OOQ
#
_cell.length_a   37.186
_cell.length_b   86.697
_cell.length_c   91.120
_cell.angle_alpha   90.00
_cell.angle_beta   99.89
_cell.angle_gamma   90.00
#
_symmetry.space_group_name_H-M   'P 1 21 1'
#
loop_
_entity.id
_entity.type
_entity.pdbx_description
1 polymer 'Receptor-type tyrosine-protein phosphatase T'
2 non-polymer 2-[3-(2-HYDROXY-1,1-DIHYDROXYMETHYL-ETHYLAMINO)-PROPYLAMINO]-2-HYDROXYMETHYL-PROPANE-1,3-DIOL
3 non-polymer 'SODIUM ION'
4 non-polymer 1,2-ETHANEDIOL
5 water water
#
_entity_poly.entity_id   1
_entity_poly.type   'polypeptide(L)'
_entity_poly.pdbx_seq_one_letter_code
;SMAIRVADLLQHITQMKRGQGYGFKEEYEALPEGQTASWDTAKEDENRNKNRYGNIISYDHSRVRLLVLDGDPHSDYINA
NYIDGYHRPRHYIATQGPMQETVKDFWRMIWQENSASIVMVTNLVEVGRVKCVRYWPDDTEVYGDIKVTLIETEPLAEYV
IRTFTVQKKGYHEIRELRLFHFTSWPDHGVPCYATGLLGFVRQVKFLNPPEAGPIVVHCSAGAGRTGCFIAIDTMLDMAE
NEGVVDIFNCVRELRAQRVNLVQTEEQYVFVHDAILEACLCGNTAI
;
_entity_poly.pdbx_strand_id   A,B
#
# COMPACT_ATOMS: atom_id res chain seq x y z
N MET A 2 -2.28 -45.79 -20.10
CA MET A 2 -0.98 -45.48 -20.79
C MET A 2 0.15 -45.15 -19.78
N ALA A 3 -0.08 -45.45 -18.50
CA ALA A 3 0.91 -45.19 -17.47
C ALA A 3 2.10 -46.11 -17.66
N ILE A 4 3.25 -45.65 -17.18
CA ILE A 4 4.49 -46.38 -17.27
C ILE A 4 4.92 -46.74 -15.87
N ARG A 5 5.24 -48.01 -15.66
CA ARG A 5 5.78 -48.47 -14.38
C ARG A 5 7.11 -47.77 -14.11
N VAL A 6 7.34 -47.33 -12.87
CA VAL A 6 8.61 -46.68 -12.53
C VAL A 6 9.79 -47.60 -12.85
N ALA A 7 9.63 -48.88 -12.54
CA ALA A 7 10.57 -49.94 -12.90
C ALA A 7 10.93 -49.98 -14.38
N ASP A 8 10.05 -49.48 -15.25
CA ASP A 8 10.22 -49.53 -16.73
C ASP A 8 10.57 -48.17 -17.31
N LEU A 9 10.80 -47.16 -16.46
CA LEU A 9 10.93 -45.79 -16.92
C LEU A 9 12.20 -45.55 -17.71
N LEU A 10 13.32 -46.11 -17.25
CA LEU A 10 14.60 -46.00 -17.99
C LEU A 10 14.45 -46.55 -19.40
N GLN A 11 13.92 -47.76 -19.51
CA GLN A 11 13.67 -48.40 -20.80
C GLN A 11 12.74 -47.59 -21.68
N HIS A 12 11.68 -47.05 -21.09
CA HIS A 12 10.76 -46.18 -21.82
C HIS A 12 11.47 -44.94 -22.40
N ILE A 13 12.23 -44.24 -21.57
CA ILE A 13 12.90 -43.00 -21.98
C ILE A 13 13.92 -43.31 -23.11
N THR A 14 14.62 -44.43 -22.97
CA THR A 14 15.58 -44.86 -23.98
C THR A 14 14.88 -45.10 -25.33
N GLN A 15 13.83 -45.92 -25.28
CA GLN A 15 13.09 -46.25 -26.49
C GLN A 15 12.65 -44.96 -27.14
N MET A 16 12.18 -44.03 -26.29
CA MET A 16 11.64 -42.74 -26.73
C MET A 16 12.71 -41.81 -27.32
N LYS A 17 13.97 -42.00 -26.91
CA LYS A 17 15.11 -41.26 -27.50
C LYS A 17 15.73 -41.88 -28.74
N ARG A 18 15.54 -43.18 -28.95
CA ARG A 18 15.96 -43.86 -30.20
C ARG A 18 15.06 -43.36 -31.34
N GLY A 19 15.67 -42.86 -32.40
CA GLY A 19 14.87 -42.30 -33.49
C GLY A 19 14.04 -43.27 -34.31
N GLN A 20 14.02 -44.56 -33.97
CA GLN A 20 13.60 -45.58 -34.91
C GLN A 20 12.10 -45.89 -34.90
N GLY A 21 11.48 -45.88 -33.72
CA GLY A 21 10.03 -45.98 -33.60
C GLY A 21 9.48 -44.72 -32.94
N TYR A 22 8.27 -44.84 -32.40
CA TYR A 22 7.61 -43.76 -31.66
C TYR A 22 8.57 -43.21 -30.63
N GLY A 23 8.73 -41.87 -30.63
CA GLY A 23 9.63 -41.17 -29.72
C GLY A 23 9.07 -39.83 -29.27
N PHE A 24 9.94 -39.01 -28.67
CA PHE A 24 9.53 -37.77 -28.05
C PHE A 24 9.07 -36.68 -29.00
N LYS A 25 9.64 -36.60 -30.20
CA LYS A 25 9.14 -35.60 -31.17
C LYS A 25 7.64 -35.82 -31.46
N GLU A 26 7.28 -37.05 -31.79
CA GLU A 26 5.89 -37.34 -32.11
C GLU A 26 5.02 -37.15 -30.92
N GLU A 27 5.49 -37.61 -29.76
CA GLU A 27 4.69 -37.52 -28.56
C GLU A 27 4.42 -36.06 -28.21
N TYR A 28 5.48 -35.25 -28.20
CA TYR A 28 5.34 -33.82 -27.96
C TYR A 28 4.37 -33.18 -28.99
N GLU A 29 4.48 -33.59 -30.25
CA GLU A 29 3.61 -33.03 -31.28
C GLU A 29 2.15 -33.42 -31.10
N ALA A 30 1.89 -34.41 -30.27
CA ALA A 30 0.53 -34.85 -29.98
C ALA A 30 -0.13 -34.05 -28.87
N LEU A 31 0.65 -33.31 -28.06
CA LEU A 31 0.08 -32.45 -27.03
C LEU A 31 -0.74 -31.32 -27.68
N PRO A 32 -1.83 -30.88 -27.03
CA PRO A 32 -2.62 -29.83 -27.70
C PRO A 32 -1.88 -28.51 -27.66
N GLU A 33 -1.67 -27.89 -28.82
CA GLU A 33 -0.89 -26.65 -28.90
C GLU A 33 -1.82 -25.45 -28.94
N GLY A 34 -1.46 -24.38 -28.26
CA GLY A 34 -2.23 -23.13 -28.35
C GLY A 34 -3.57 -23.21 -27.65
N GLN A 35 -4.48 -22.32 -28.06
CA GLN A 35 -5.73 -22.11 -27.36
C GLN A 35 -6.65 -23.32 -27.56
N THR A 36 -7.08 -23.91 -26.45
CA THR A 36 -8.00 -25.04 -26.47
C THR A 36 -9.30 -24.75 -25.69
N ALA A 37 -9.39 -23.54 -25.13
CA ALA A 37 -10.55 -23.10 -24.35
C ALA A 37 -10.63 -21.58 -24.40
N SER A 38 -11.77 -21.04 -23.96
CA SER A 38 -12.06 -19.61 -24.01
C SER A 38 -11.21 -18.86 -23.01
N TRP A 39 -10.83 -17.65 -23.40
CA TRP A 39 -10.18 -16.69 -22.53
C TRP A 39 -10.74 -15.27 -22.73
N ASP A 40 -12.06 -15.16 -22.71
CA ASP A 40 -12.74 -13.91 -23.03
C ASP A 40 -12.29 -12.76 -22.10
N THR A 41 -12.20 -13.04 -20.80
CA THR A 41 -11.85 -11.97 -19.86
C THR A 41 -10.43 -11.48 -20.10
N ALA A 42 -9.50 -12.43 -20.30
CA ALA A 42 -8.07 -12.15 -20.49
C ALA A 42 -7.86 -11.23 -21.68
N LYS A 43 -8.66 -11.43 -22.72
CA LYS A 43 -8.54 -10.70 -24.00
C LYS A 43 -9.40 -9.43 -24.02
N GLU A 44 -9.97 -9.06 -22.88
CA GLU A 44 -10.63 -7.74 -22.75
C GLU A 44 -9.60 -6.63 -22.92
N ASP A 45 -9.95 -5.62 -23.71
CA ASP A 45 -9.09 -4.47 -23.95
C ASP A 45 -8.50 -3.95 -22.65
N GLU A 46 -9.33 -3.85 -21.63
CA GLU A 46 -8.92 -3.31 -20.32
C GLU A 46 -7.90 -4.17 -19.57
N ASN A 47 -7.67 -5.41 -20.05
CA ASN A 47 -6.71 -6.33 -19.45
C ASN A 47 -5.48 -6.59 -20.31
N ARG A 48 -5.42 -5.98 -21.50
CA ARG A 48 -4.27 -6.19 -22.39
C ARG A 48 -2.93 -5.88 -21.72
N ASN A 49 -2.88 -4.83 -20.90
CA ASN A 49 -1.64 -4.37 -20.29
C ASN A 49 -1.29 -5.11 -19.03
N LYS A 50 -2.14 -6.07 -18.67
CA LYS A 50 -1.87 -6.96 -17.55
C LYS A 50 -1.31 -8.33 -17.98
N ASN A 51 -1.14 -8.51 -19.30
CA ASN A 51 -0.63 -9.73 -19.88
C ASN A 51 0.73 -9.48 -20.48
N ARG A 52 1.70 -10.28 -20.06
CA ARG A 52 3.08 -10.11 -20.53
C ARG A 52 3.25 -10.61 -21.97
N TYR A 53 2.79 -11.85 -22.23
CA TYR A 53 2.82 -12.44 -23.57
C TYR A 53 1.39 -12.69 -24.07
N GLY A 54 1.01 -12.06 -25.19
CA GLY A 54 -0.36 -12.13 -25.72
C GLY A 54 -0.91 -13.53 -26.00
N ASN A 55 0.01 -14.48 -26.18
CA ASN A 55 -0.33 -15.86 -26.53
C ASN A 55 -0.54 -16.75 -25.33
N ILE A 56 0.04 -16.37 -24.20
CA ILE A 56 -0.04 -17.14 -22.97
C ILE A 56 -0.85 -16.31 -22.02
N ILE A 57 -2.16 -16.41 -22.17
CA ILE A 57 -3.07 -15.68 -21.31
C ILE A 57 -4.09 -16.66 -20.68
N SER A 58 -4.89 -16.15 -19.76
CA SER A 58 -5.59 -17.02 -18.82
C SER A 58 -6.94 -17.54 -19.35
N TYR A 59 -7.10 -18.86 -19.41
CA TYR A 59 -8.40 -19.48 -19.73
C TYR A 59 -9.44 -19.16 -18.66
N ASP A 60 -10.66 -18.87 -19.08
CA ASP A 60 -11.74 -18.43 -18.18
C ASP A 60 -12.06 -19.48 -17.13
N HIS A 61 -12.08 -20.75 -17.54
CA HIS A 61 -12.58 -21.82 -16.66
C HIS A 61 -11.71 -21.94 -15.42
N SER A 62 -10.40 -21.69 -15.58
CA SER A 62 -9.43 -21.97 -14.54
C SER A 62 -8.78 -20.71 -13.97
N ARG A 63 -9.20 -19.52 -14.42
CA ARG A 63 -8.44 -18.32 -14.05
C ARG A 63 -8.67 -17.95 -12.59
N VAL A 64 -7.65 -17.36 -11.97
CA VAL A 64 -7.71 -16.90 -10.58
C VAL A 64 -8.44 -15.55 -10.62
N ARG A 65 -9.62 -15.48 -10.04
CA ARG A 65 -10.36 -14.22 -10.00
C ARG A 65 -10.02 -13.42 -8.74
N LEU A 66 -9.64 -12.16 -8.91
CA LEU A 66 -9.44 -11.24 -7.77
C LEU A 66 -10.74 -10.52 -7.34
N LEU A 67 -10.90 -10.29 -6.04
CA LEU A 67 -11.97 -9.46 -5.53
C LEU A 67 -11.97 -8.17 -6.35
N VAL A 68 -13.15 -7.70 -6.73
CA VAL A 68 -13.26 -6.48 -7.53
C VAL A 68 -13.14 -5.30 -6.59
N LEU A 69 -12.32 -4.31 -6.97
CA LEU A 69 -12.08 -3.14 -6.14
C LEU A 69 -12.96 -1.96 -6.58
N ASP A 72 -13.91 -0.43 -10.42
CA ASP A 72 -13.21 -0.99 -11.56
C ASP A 72 -13.62 -2.44 -11.83
N PRO A 73 -14.58 -2.65 -12.74
CA PRO A 73 -15.05 -3.98 -13.09
C PRO A 73 -13.96 -4.90 -13.62
N HIS A 74 -12.92 -4.33 -14.21
CA HIS A 74 -11.81 -5.14 -14.68
C HIS A 74 -10.71 -5.37 -13.64
N SER A 75 -10.93 -4.96 -12.39
CA SER A 75 -9.94 -5.26 -11.32
C SER A 75 -9.94 -6.72 -10.87
N ASP A 76 -10.75 -7.56 -11.48
CA ASP A 76 -10.76 -8.96 -11.07
C ASP A 76 -9.74 -9.83 -11.83
N TYR A 77 -8.96 -9.22 -12.73
CA TYR A 77 -8.09 -9.98 -13.63
C TYR A 77 -6.61 -10.02 -13.20
N ILE A 78 -6.05 -11.22 -13.20
CA ILE A 78 -4.61 -11.42 -13.21
C ILE A 78 -4.34 -12.56 -14.18
N ASN A 79 -3.22 -12.48 -14.88
CA ASN A 79 -2.81 -13.59 -15.75
C ASN A 79 -2.29 -14.77 -14.94
N ALA A 80 -3.22 -15.54 -14.38
CA ALA A 80 -2.91 -16.68 -13.55
C ALA A 80 -4.04 -17.70 -13.64
N ASN A 81 -3.69 -18.97 -13.49
CA ASN A 81 -4.67 -20.05 -13.47
C ASN A 81 -4.38 -21.03 -12.35
N TYR A 82 -5.43 -21.51 -11.69
CA TYR A 82 -5.32 -22.66 -10.81
C TYR A 82 -4.87 -23.88 -11.61
N ILE A 83 -3.99 -24.68 -11.00
CA ILE A 83 -3.56 -25.93 -11.56
C ILE A 83 -3.71 -27.03 -10.51
N ASP A 84 -4.44 -28.09 -10.84
CA ASP A 84 -4.60 -29.21 -9.95
C ASP A 84 -3.26 -29.89 -9.74
N GLY A 85 -3.02 -30.35 -8.52
CA GLY A 85 -1.87 -31.19 -8.25
C GLY A 85 -2.32 -32.62 -8.19
N TYR A 86 -1.39 -33.52 -7.87
CA TYR A 86 -1.68 -34.92 -7.87
C TYR A 86 -2.76 -35.20 -6.83
N HIS A 87 -2.52 -34.79 -5.60
CA HIS A 87 -3.39 -35.12 -4.49
C HIS A 87 -4.63 -34.20 -4.37
N ARG A 88 -4.57 -33.04 -4.99
CA ARG A 88 -5.25 -31.87 -4.49
C ARG A 88 -5.61 -30.87 -5.60
N PRO A 89 -6.90 -30.55 -5.74
CA PRO A 89 -7.27 -29.54 -6.73
C PRO A 89 -6.79 -28.15 -6.34
N ARG A 90 -6.57 -27.31 -7.35
CA ARG A 90 -6.09 -25.98 -7.09
C ARG A 90 -4.84 -25.99 -6.20
N HIS A 91 -3.99 -26.98 -6.40
CA HIS A 91 -2.74 -27.06 -5.61
C HIS A 91 -1.73 -25.95 -5.96
N TYR A 92 -1.67 -25.55 -7.23
CA TYR A 92 -0.76 -24.46 -7.63
C TYR A 92 -1.58 -23.38 -8.30
N ILE A 93 -1.00 -22.19 -8.36
CA ILE A 93 -1.37 -21.16 -9.31
C ILE A 93 -0.19 -20.96 -10.25
N ALA A 94 -0.40 -21.20 -11.54
CA ALA A 94 0.60 -20.88 -12.57
C ALA A 94 0.33 -19.47 -13.04
N THR A 95 1.37 -18.63 -13.04
CA THR A 95 1.17 -17.25 -13.47
C THR A 95 2.42 -16.70 -14.16
N GLN A 96 2.27 -15.56 -14.80
CA GLN A 96 3.39 -14.89 -15.43
C GLN A 96 4.26 -14.24 -14.37
N GLY A 97 5.52 -13.93 -14.70
CA GLY A 97 6.34 -13.12 -13.80
C GLY A 97 5.72 -11.73 -13.73
N PRO A 98 5.57 -11.15 -12.54
CA PRO A 98 4.96 -9.82 -12.46
C PRO A 98 5.52 -8.78 -13.42
N MET A 99 4.62 -7.94 -13.91
CA MET A 99 4.99 -6.74 -14.65
C MET A 99 4.95 -5.53 -13.71
N GLN A 100 5.62 -4.45 -14.09
CA GLN A 100 5.57 -3.20 -13.31
C GLN A 100 4.14 -2.87 -12.86
N GLU A 101 3.21 -3.02 -13.80
CA GLU A 101 1.81 -2.68 -13.59
C GLU A 101 1.14 -3.65 -12.64
N THR A 102 1.54 -4.92 -12.68
CA THR A 102 0.81 -5.98 -11.96
C THR A 102 1.36 -6.45 -10.63
N VAL A 103 2.47 -5.86 -10.18
CA VAL A 103 3.08 -6.21 -8.91
C VAL A 103 2.07 -6.14 -7.77
N LYS A 104 1.32 -5.04 -7.71
CA LYS A 104 0.28 -4.93 -6.67
C LYS A 104 -0.79 -6.03 -6.79
N ASP A 105 -1.20 -6.35 -8.02
CA ASP A 105 -2.21 -7.39 -8.25
C ASP A 105 -1.68 -8.74 -7.80
N PHE A 106 -0.40 -8.95 -8.07
CA PHE A 106 0.27 -10.20 -7.70
C PHE A 106 0.23 -10.41 -6.18
N TRP A 107 0.57 -9.37 -5.43
CA TRP A 107 0.54 -9.48 -3.97
C TRP A 107 -0.89 -9.58 -3.40
N ARG A 108 -1.84 -8.89 -4.04
CA ARG A 108 -3.22 -9.04 -3.67
C ARG A 108 -3.69 -10.48 -3.85
N MET A 109 -3.29 -11.14 -4.94
CA MET A 109 -3.65 -12.56 -5.15
C MET A 109 -3.05 -13.45 -4.09
N ILE A 110 -1.75 -13.28 -3.85
CA ILE A 110 -1.06 -13.95 -2.73
C ILE A 110 -1.84 -13.81 -1.42
N TRP A 111 -2.25 -12.59 -1.08
CA TRP A 111 -2.98 -12.36 0.20
C TRP A 111 -4.33 -13.08 0.12
N GLN A 112 -5.04 -12.82 -0.97
CA GLN A 112 -6.39 -13.38 -1.16
C GLN A 112 -6.39 -14.89 -1.06
N GLU A 113 -5.38 -15.52 -1.66
CA GLU A 113 -5.36 -16.95 -1.79
C GLU A 113 -4.70 -17.69 -0.63
N ASN A 114 -4.14 -16.95 0.32
CA ASN A 114 -3.44 -17.55 1.47
C ASN A 114 -2.23 -18.38 1.09
N SER A 115 -1.57 -17.96 0.02
CA SER A 115 -0.36 -18.63 -0.43
C SER A 115 0.79 -18.40 0.52
N ALA A 116 1.56 -19.46 0.76
CA ALA A 116 2.72 -19.43 1.69
C ALA A 116 4.01 -19.60 0.89
N SER A 117 3.93 -20.05 -0.37
CA SER A 117 5.13 -20.33 -1.18
C SER A 117 4.97 -19.73 -2.57
N ILE A 118 6.06 -19.10 -3.02
CA ILE A 118 6.22 -18.65 -4.38
C ILE A 118 7.42 -19.41 -4.96
N VAL A 119 7.23 -20.01 -6.15
CA VAL A 119 8.29 -20.71 -6.85
C VAL A 119 8.57 -19.92 -8.12
N MET A 120 9.77 -19.34 -8.17
CA MET A 120 10.22 -18.49 -9.23
C MET A 120 11.31 -19.23 -10.03
N VAL A 121 11.00 -19.57 -11.27
CA VAL A 121 11.94 -20.34 -12.11
C VAL A 121 12.42 -19.51 -13.30
N THR A 122 12.92 -18.33 -12.97
CA THR A 122 13.46 -17.41 -13.98
C THR A 122 14.40 -16.48 -13.21
N ASN A 123 15.37 -15.92 -13.91
CA ASN A 123 16.04 -14.69 -13.46
C ASN A 123 15.27 -13.48 -13.94
N LEU A 124 15.52 -12.34 -13.32
CA LEU A 124 14.84 -11.11 -13.66
C LEU A 124 15.22 -10.62 -15.05
N VAL A 125 16.51 -10.72 -15.36
CA VAL A 125 17.03 -10.35 -16.69
C VAL A 125 17.80 -11.56 -17.21
N GLU A 126 17.56 -11.93 -18.46
CA GLU A 126 18.29 -13.02 -19.12
C GLU A 126 18.72 -12.57 -20.51
N VAL A 127 20.02 -12.67 -20.77
CA VAL A 127 20.61 -12.19 -22.03
C VAL A 127 20.01 -10.85 -22.45
N GLY A 128 20.05 -9.90 -21.52
CA GLY A 128 19.71 -8.51 -21.83
C GLY A 128 18.24 -8.16 -21.97
N ARG A 129 17.36 -9.10 -21.62
CA ARG A 129 15.91 -8.91 -21.73
C ARG A 129 15.28 -9.07 -20.37
N VAL A 130 14.43 -8.13 -19.97
CA VAL A 130 13.68 -8.28 -18.72
C VAL A 130 12.64 -9.38 -18.87
N LYS A 131 12.67 -10.30 -17.94
CA LYS A 131 11.79 -11.45 -17.89
C LYS A 131 10.73 -11.31 -16.80
N CYS A 132 10.98 -10.45 -15.81
CA CYS A 132 10.17 -10.37 -14.59
C CYS A 132 10.64 -9.12 -13.86
N VAL A 133 9.74 -8.35 -13.28
CA VAL A 133 10.17 -7.21 -12.46
C VAL A 133 10.41 -7.72 -11.04
N ARG A 134 11.34 -7.10 -10.33
CA ARG A 134 11.61 -7.44 -8.96
C ARG A 134 10.39 -7.02 -8.16
N TYR A 135 9.83 -7.94 -7.42
CA TYR A 135 8.56 -7.72 -6.71
C TYR A 135 8.68 -7.99 -5.22
N TRP A 136 9.90 -8.17 -4.72
CA TRP A 136 10.13 -8.46 -3.32
C TRP A 136 11.16 -7.45 -2.81
N PRO A 137 11.10 -7.13 -1.51
CA PRO A 137 11.95 -6.13 -0.95
C PRO A 137 13.35 -6.59 -0.51
N ASP A 138 14.30 -5.66 -0.52
CA ASP A 138 15.58 -5.88 0.18
C ASP A 138 15.44 -5.83 1.68
N ASP A 139 14.47 -5.04 2.14
CA ASP A 139 14.19 -4.87 3.54
C ASP A 139 12.67 -4.95 3.70
N THR A 140 11.96 -3.83 3.53
CA THR A 140 10.49 -3.82 3.67
C THR A 140 9.86 -2.94 2.55
N GLU A 141 8.71 -3.32 2.03
CA GLU A 141 8.02 -2.54 0.98
C GLU A 141 6.53 -2.86 1.02
N VAL A 142 5.70 -1.93 0.53
CA VAL A 142 4.25 -2.08 0.53
C VAL A 142 3.80 -2.12 -0.90
N TYR A 143 3.15 -3.23 -1.27
CA TYR A 143 2.64 -3.41 -2.62
C TYR A 143 1.11 -3.36 -2.51
N GLY A 144 0.54 -2.27 -3.01
CA GLY A 144 -0.83 -1.94 -2.72
C GLY A 144 -0.95 -1.57 -1.25
N ASP A 145 -1.54 -2.46 -0.47
CA ASP A 145 -1.56 -2.35 0.98
C ASP A 145 -0.95 -3.55 1.64
N ILE A 146 -0.16 -4.34 0.88
CA ILE A 146 0.46 -5.54 1.40
C ILE A 146 1.91 -5.22 1.77
N LYS A 147 2.20 -5.27 3.07
CA LYS A 147 3.51 -5.00 3.62
C LYS A 147 4.34 -6.27 3.73
N VAL A 148 5.46 -6.25 3.04
CA VAL A 148 6.33 -7.45 2.90
C VAL A 148 7.68 -7.03 3.48
N THR A 149 8.21 -7.85 4.38
CA THR A 149 9.47 -7.63 5.07
C THR A 149 10.35 -8.86 4.96
N LEU A 150 11.57 -8.68 4.50
CA LEU A 150 12.50 -9.78 4.37
C LEU A 150 13.00 -10.15 5.75
N ILE A 151 12.93 -11.42 6.10
CA ILE A 151 13.49 -11.89 7.37
C ILE A 151 14.63 -12.90 7.27
N GLU A 152 14.81 -13.54 6.12
CA GLU A 152 15.95 -14.47 5.95
C GLU A 152 16.27 -14.67 4.47
N THR A 153 17.56 -14.76 4.16
CA THR A 153 18.00 -15.20 2.79
C THR A 153 18.92 -16.41 2.94
N GLU A 154 18.61 -17.50 2.23
CA GLU A 154 19.42 -18.71 2.26
C GLU A 154 19.89 -19.04 0.85
N PRO A 155 21.11 -18.61 0.50
CA PRO A 155 21.66 -18.92 -0.82
C PRO A 155 22.25 -20.30 -0.92
N LEU A 156 21.92 -20.98 -1.99
CA LEU A 156 22.49 -22.28 -2.26
C LEU A 156 23.03 -22.21 -3.68
N ALA A 157 23.58 -23.32 -4.17
CA ALA A 157 24.29 -23.29 -5.44
C ALA A 157 23.43 -22.89 -6.65
N GLU A 158 22.24 -23.45 -6.77
CA GLU A 158 21.41 -23.23 -7.97
C GLU A 158 20.10 -22.48 -7.66
N TYR A 159 19.92 -22.13 -6.40
CA TYR A 159 18.73 -21.42 -6.01
C TYR A 159 18.94 -20.72 -4.67
N VAL A 160 17.98 -19.86 -4.33
CA VAL A 160 18.01 -19.05 -3.09
C VAL A 160 16.59 -19.05 -2.53
N ILE A 161 16.49 -19.28 -1.23
CA ILE A 161 15.21 -19.17 -0.53
C ILE A 161 15.21 -17.92 0.33
N ARG A 162 14.23 -17.08 0.06
CA ARG A 162 14.03 -15.89 0.83
CA ARG A 162 14.03 -15.86 0.80
C ARG A 162 12.72 -16.00 1.60
N THR A 163 12.77 -15.66 2.87
CA THR A 163 11.60 -15.79 3.71
C THR A 163 11.16 -14.39 4.12
N PHE A 164 9.86 -14.14 4.14
CA PHE A 164 9.30 -12.82 4.42
C PHE A 164 8.16 -12.93 5.41
N THR A 165 7.86 -11.82 6.10
CA THR A 165 6.56 -11.67 6.74
C THR A 165 5.68 -10.88 5.77
N VAL A 166 4.39 -11.18 5.78
CA VAL A 166 3.43 -10.56 4.84
C VAL A 166 2.20 -10.17 5.68
N GLN A 167 1.75 -8.94 5.53
CA GLN A 167 0.63 -8.41 6.33
C GLN A 167 -0.14 -7.41 5.47
N LYS A 168 -1.46 -7.53 5.49
CA LYS A 168 -2.33 -6.53 4.87
C LYS A 168 -2.53 -5.44 5.90
N LYS A 169 -2.13 -4.24 5.51
CA LYS A 169 -2.10 -3.10 6.44
C LYS A 169 -3.50 -2.81 6.95
N GLY A 170 -3.59 -2.46 8.23
CA GLY A 170 -4.89 -2.22 8.84
C GLY A 170 -5.58 -3.46 9.39
N TYR A 171 -4.99 -4.63 9.17
CA TYR A 171 -5.49 -5.89 9.72
C TYR A 171 -4.37 -6.54 10.49
N HIS A 172 -4.71 -7.51 11.35
CA HIS A 172 -3.79 -7.99 12.38
C HIS A 172 -3.02 -9.27 12.06
N GLU A 173 -3.35 -9.93 10.96
CA GLU A 173 -2.74 -11.21 10.65
C GLU A 173 -1.38 -10.99 10.04
N ILE A 174 -0.36 -11.67 10.55
CA ILE A 174 0.97 -11.64 9.92
C ILE A 174 1.41 -13.04 9.51
N ARG A 175 1.64 -13.23 8.22
CA ARG A 175 1.91 -14.54 7.64
C ARG A 175 3.37 -14.64 7.29
N GLU A 176 3.85 -15.86 7.14
CA GLU A 176 5.20 -16.11 6.69
C GLU A 176 5.07 -16.68 5.28
N LEU A 177 5.92 -16.20 4.38
CA LEU A 177 5.93 -16.64 2.99
C LEU A 177 7.37 -16.91 2.60
N ARG A 178 7.57 -17.94 1.80
CA ARG A 178 8.89 -18.21 1.21
C ARG A 178 8.85 -18.10 -0.28
N LEU A 179 9.87 -17.42 -0.82
CA LEU A 179 10.14 -17.34 -2.24
C LEU A 179 11.31 -18.25 -2.59
N PHE A 180 10.98 -19.32 -3.29
CA PHE A 180 11.95 -20.27 -3.76
C PHE A 180 12.38 -19.82 -5.15
N HIS A 181 13.61 -19.34 -5.27
CA HIS A 181 14.05 -18.74 -6.51
C HIS A 181 15.15 -19.59 -7.11
N PHE A 182 14.81 -20.31 -8.20
CA PHE A 182 15.76 -21.13 -8.94
C PHE A 182 16.45 -20.29 -9.96
N THR A 183 17.78 -20.28 -9.92
CA THR A 183 18.56 -19.27 -10.62
C THR A 183 19.39 -19.81 -11.79
N SER A 184 19.30 -21.11 -12.08
CA SER A 184 20.16 -21.72 -13.11
CA SER A 184 20.15 -21.80 -13.06
C SER A 184 19.40 -22.34 -14.29
N TRP A 185 18.16 -21.88 -14.54
CA TRP A 185 17.30 -22.42 -15.62
C TRP A 185 16.99 -21.37 -16.65
N PRO A 186 17.68 -21.38 -17.79
CA PRO A 186 17.39 -20.40 -18.85
C PRO A 186 16.00 -20.52 -19.54
N ASP A 187 15.28 -19.39 -19.69
CA ASP A 187 14.06 -19.35 -20.52
C ASP A 187 14.22 -20.10 -21.85
N HIS A 188 13.17 -20.83 -22.24
CA HIS A 188 13.16 -21.65 -23.46
C HIS A 188 14.21 -22.75 -23.46
N GLY A 189 14.87 -22.96 -22.31
CA GLY A 189 16.04 -23.83 -22.22
C GLY A 189 15.85 -24.86 -21.14
N VAL A 190 16.90 -25.64 -20.89
CA VAL A 190 16.90 -26.56 -19.78
C VAL A 190 18.24 -26.60 -19.10
N PRO A 191 18.23 -26.87 -17.79
CA PRO A 191 19.48 -27.06 -17.06
C PRO A 191 20.30 -28.22 -17.61
N CYS A 192 21.62 -28.11 -17.49
CA CYS A 192 22.49 -29.19 -17.94
CA CYS A 192 22.53 -29.17 -17.93
C CYS A 192 22.22 -30.47 -17.20
N TYR A 193 21.89 -30.36 -15.90
CA TYR A 193 21.51 -31.54 -15.10
C TYR A 193 20.21 -31.29 -14.36
N ALA A 194 19.51 -32.37 -14.06
CA ALA A 194 18.25 -32.26 -13.29
C ALA A 194 18.51 -32.15 -11.80
N THR A 195 19.72 -32.52 -11.37
CA THR A 195 20.02 -32.70 -9.94
C THR A 195 19.69 -31.47 -9.06
N GLY A 196 20.12 -30.29 -9.46
CA GLY A 196 19.85 -29.08 -8.65
C GLY A 196 18.37 -28.75 -8.54
N LEU A 197 17.69 -28.85 -9.68
CA LEU A 197 16.24 -28.61 -9.73
C LEU A 197 15.53 -29.62 -8.84
N LEU A 198 15.99 -30.86 -8.81
CA LEU A 198 15.33 -31.85 -7.94
C LEU A 198 15.52 -31.52 -6.46
N GLY A 199 16.69 -31.00 -6.09
CA GLY A 199 16.89 -30.54 -4.71
C GLY A 199 15.94 -29.42 -4.34
N PHE A 200 15.75 -28.51 -5.28
CA PHE A 200 14.87 -27.39 -5.17
C PHE A 200 13.43 -27.83 -4.97
N VAL A 201 12.99 -28.77 -5.79
CA VAL A 201 11.68 -29.37 -5.66
C VAL A 201 11.50 -30.01 -4.27
N ARG A 202 12.52 -30.73 -3.84
CA ARG A 202 12.53 -31.35 -2.51
C ARG A 202 12.34 -30.32 -1.40
N GLN A 203 13.01 -29.15 -1.50
CA GLN A 203 12.82 -28.06 -0.51
C GLN A 203 11.38 -27.54 -0.43
N VAL A 204 10.78 -27.34 -1.58
CA VAL A 204 9.41 -26.84 -1.65
C VAL A 204 8.46 -27.85 -1.03
N LYS A 205 8.64 -29.13 -1.35
CA LYS A 205 7.78 -30.16 -0.83
C LYS A 205 7.95 -30.23 0.69
N PHE A 206 9.18 -30.10 1.17
CA PHE A 206 9.47 -30.15 2.61
C PHE A 206 8.92 -28.95 3.36
N LEU A 207 9.07 -27.78 2.77
CA LEU A 207 8.82 -26.54 3.53
C LEU A 207 7.43 -25.94 3.34
N ASN A 208 6.79 -26.18 2.19
CA ASN A 208 5.50 -25.60 1.96
C ASN A 208 4.48 -26.07 2.98
N PRO A 209 3.82 -25.13 3.68
CA PRO A 209 2.87 -25.64 4.69
C PRO A 209 1.59 -26.18 4.04
N PRO A 210 1.28 -27.47 4.24
CA PRO A 210 0.19 -28.00 3.43
C PRO A 210 -1.20 -27.41 3.73
N GLU A 211 -1.36 -26.78 4.88
CA GLU A 211 -2.62 -26.12 5.25
C GLU A 211 -2.83 -24.80 4.52
N ALA A 212 -1.78 -24.25 3.93
CA ALA A 212 -1.81 -22.96 3.19
C ALA A 212 -2.53 -23.11 1.83
N GLY A 213 -2.68 -21.97 1.17
CA GLY A 213 -3.30 -21.90 -0.13
C GLY A 213 -2.35 -22.37 -1.23
N PRO A 214 -2.75 -22.14 -2.47
CA PRO A 214 -1.95 -22.66 -3.58
C PRO A 214 -0.50 -22.13 -3.60
N ILE A 215 0.43 -23.02 -3.99
CA ILE A 215 1.79 -22.63 -4.31
C ILE A 215 1.79 -21.82 -5.61
N VAL A 216 2.30 -20.59 -5.58
CA VAL A 216 2.32 -19.77 -6.76
C VAL A 216 3.60 -20.10 -7.55
N VAL A 217 3.43 -20.53 -8.80
CA VAL A 217 4.58 -20.85 -9.66
C VAL A 217 4.61 -19.92 -10.84
N HIS A 218 5.77 -19.33 -11.10
CA HIS A 218 5.92 -18.43 -12.20
C HIS A 218 7.33 -18.47 -12.82
N CYS A 219 7.40 -18.08 -14.10
CA CYS A 219 8.64 -17.91 -14.80
C CYS A 219 8.55 -16.53 -15.43
N SER A 220 8.69 -16.44 -16.73
CA SER A 220 8.43 -15.14 -17.42
C SER A 220 6.98 -15.13 -17.92
N ALA A 221 6.64 -16.00 -18.88
CA ALA A 221 5.26 -16.06 -19.41
C ALA A 221 4.34 -16.92 -18.55
N GLY A 222 4.91 -17.80 -17.75
CA GLY A 222 4.13 -18.73 -16.91
C GLY A 222 3.65 -19.96 -17.70
N ALA A 223 4.48 -20.43 -18.63
CA ALA A 223 4.17 -21.65 -19.36
C ALA A 223 5.27 -22.70 -19.31
N GLY A 224 6.45 -22.37 -19.85
CA GLY A 224 7.49 -23.37 -20.13
C GLY A 224 8.12 -23.92 -18.86
N ARG A 225 8.93 -23.09 -18.21
CA ARG A 225 9.61 -23.52 -16.99
C ARG A 225 8.60 -23.75 -15.89
N THR A 226 7.59 -22.89 -15.78
CA THR A 226 6.48 -23.12 -14.81
C THR A 226 5.87 -24.50 -14.99
N GLY A 227 5.44 -24.79 -16.23
CA GLY A 227 4.91 -26.12 -16.52
C GLY A 227 5.88 -27.25 -16.20
N CYS A 228 7.19 -27.08 -16.48
CA CYS A 228 8.14 -28.15 -16.15
C CYS A 228 8.18 -28.40 -14.65
N PHE A 229 8.25 -27.34 -13.85
CA PHE A 229 8.30 -27.52 -12.41
C PHE A 229 7.06 -28.27 -11.90
N ILE A 230 5.89 -27.86 -12.41
CA ILE A 230 4.64 -28.48 -11.98
C ILE A 230 4.55 -29.94 -12.42
N ALA A 231 4.96 -30.23 -13.65
CA ALA A 231 4.94 -31.61 -14.13
C ALA A 231 5.82 -32.53 -13.29
N ILE A 232 7.04 -32.10 -13.02
CA ILE A 232 7.99 -32.87 -12.22
C ILE A 232 7.44 -33.07 -10.83
N ASP A 233 7.03 -31.98 -10.19
CA ASP A 233 6.50 -32.05 -8.83
C ASP A 233 5.33 -33.02 -8.71
N THR A 234 4.40 -32.92 -9.65
CA THR A 234 3.22 -33.77 -9.65
C THR A 234 3.52 -35.25 -9.91
N MET A 235 4.47 -35.50 -10.83
CA MET A 235 4.79 -36.85 -11.24
C MET A 235 5.60 -37.58 -10.16
N LEU A 236 6.41 -36.85 -9.42
CA LEU A 236 7.06 -37.45 -8.30
C LEU A 236 6.03 -37.91 -7.25
N ASP A 237 4.99 -37.10 -7.04
CA ASP A 237 3.88 -37.55 -6.14
C ASP A 237 3.20 -38.81 -6.68
N MET A 238 2.82 -38.79 -7.94
CA MET A 238 2.24 -39.99 -8.57
C MET A 238 3.14 -41.21 -8.49
N ALA A 239 4.43 -41.05 -8.82
CA ALA A 239 5.39 -42.17 -8.72
C ALA A 239 5.41 -42.72 -7.30
N GLU A 240 5.54 -41.82 -6.31
CA GLU A 240 5.68 -42.22 -4.91
C GLU A 240 4.50 -43.05 -4.45
N ASN A 241 3.32 -42.68 -4.93
CA ASN A 241 2.04 -43.26 -4.54
C ASN A 241 1.55 -44.47 -5.36
N GLU A 242 1.74 -44.45 -6.68
CA GLU A 242 1.18 -45.49 -7.53
C GLU A 242 2.23 -46.41 -8.12
N GLY A 243 3.51 -46.05 -8.05
CA GLY A 243 4.55 -46.85 -8.71
C GLY A 243 4.45 -46.78 -10.24
N VAL A 244 3.70 -45.79 -10.72
CA VAL A 244 3.59 -45.48 -12.14
C VAL A 244 3.66 -43.96 -12.34
N VAL A 245 4.01 -43.54 -13.55
CA VAL A 245 3.87 -42.14 -13.97
C VAL A 245 3.24 -42.14 -15.36
N ASP A 246 2.45 -41.11 -15.64
CA ASP A 246 1.87 -40.88 -16.95
C ASP A 246 2.13 -39.43 -17.30
N ILE A 247 3.33 -39.19 -17.83
CA ILE A 247 3.81 -37.82 -18.01
C ILE A 247 3.07 -37.17 -19.19
N PHE A 248 2.76 -37.94 -20.22
CA PHE A 248 2.02 -37.38 -21.35
C PHE A 248 0.63 -36.85 -20.94
N ASN A 249 -0.15 -37.65 -20.20
CA ASN A 249 -1.46 -37.14 -19.77
C ASN A 249 -1.34 -36.08 -18.71
N CYS A 250 -0.25 -36.10 -17.95
CA CYS A 250 -0.01 -35.03 -17.00
C CYS A 250 0.09 -33.70 -17.73
N VAL A 251 0.94 -33.65 -18.76
CA VAL A 251 1.19 -32.41 -19.51
C VAL A 251 0.00 -32.01 -20.39
N ARG A 252 -0.67 -33.01 -20.96
CA ARG A 252 -1.99 -32.79 -21.54
C ARG A 252 -2.94 -32.10 -20.53
N GLU A 253 -3.08 -32.67 -19.32
CA GLU A 253 -3.98 -32.06 -18.32
C GLU A 253 -3.49 -30.66 -17.93
N LEU A 254 -2.16 -30.48 -17.83
CA LEU A 254 -1.60 -29.14 -17.56
C LEU A 254 -2.05 -28.13 -18.60
N ARG A 255 -1.95 -28.50 -19.87
CA ARG A 255 -2.36 -27.60 -20.94
C ARG A 255 -3.87 -27.28 -20.97
N ALA A 256 -4.69 -28.19 -20.46
CA ALA A 256 -6.14 -27.95 -20.40
C ALA A 256 -6.44 -26.81 -19.43
N GLN A 257 -5.58 -26.62 -18.42
CA GLN A 257 -5.80 -25.64 -17.37
C GLN A 257 -5.12 -24.28 -17.68
N ARG A 258 -4.04 -24.34 -18.44
CA ARG A 258 -3.33 -23.15 -18.85
C ARG A 258 -2.50 -23.46 -20.10
N VAL A 259 -2.64 -22.58 -21.09
CA VAL A 259 -2.12 -22.81 -22.43
C VAL A 259 -0.60 -23.09 -22.43
N ASN A 260 -0.18 -24.07 -23.23
CA ASN A 260 1.24 -24.33 -23.52
C ASN A 260 2.21 -24.60 -22.37
N LEU A 261 1.71 -24.99 -21.20
CA LEU A 261 2.59 -25.36 -20.11
C LEU A 261 3.45 -26.52 -20.61
N VAL A 262 4.76 -26.38 -20.38
CA VAL A 262 5.83 -27.19 -21.00
C VAL A 262 5.88 -26.86 -22.47
N GLN A 263 6.71 -25.87 -22.79
CA GLN A 263 6.59 -25.13 -24.01
C GLN A 263 7.48 -25.60 -25.16
N THR A 264 8.48 -26.46 -24.90
CA THR A 264 9.32 -27.03 -25.95
C THR A 264 9.53 -28.55 -25.78
N GLU A 265 9.89 -29.19 -26.88
CA GLU A 265 10.23 -30.62 -26.85
C GLU A 265 11.38 -30.89 -25.89
N GLU A 266 12.43 -30.07 -25.94
CA GLU A 266 13.58 -30.29 -25.05
C GLU A 266 13.12 -30.29 -23.60
N GLN A 267 12.29 -29.30 -23.23
CA GLN A 267 11.67 -29.26 -21.89
C GLN A 267 10.88 -30.52 -21.55
N TYR A 268 10.07 -31.01 -22.50
CA TYR A 268 9.29 -32.23 -22.32
C TYR A 268 10.23 -33.41 -22.00
N VAL A 269 11.31 -33.51 -22.77
CA VAL A 269 12.31 -34.54 -22.52
C VAL A 269 12.98 -34.36 -21.15
N PHE A 270 13.33 -33.11 -20.83
CA PHE A 270 13.93 -32.78 -19.55
C PHE A 270 13.05 -33.19 -18.38
N VAL A 271 11.74 -32.97 -18.50
CA VAL A 271 10.80 -33.43 -17.48
C VAL A 271 10.97 -34.94 -17.26
N HIS A 272 11.08 -35.71 -18.35
CA HIS A 272 11.30 -37.16 -18.26
C HIS A 272 12.63 -37.50 -17.55
N ASP A 273 13.72 -36.88 -17.98
CA ASP A 273 15.05 -37.11 -17.38
C ASP A 273 15.06 -36.79 -15.90
N ALA A 274 14.38 -35.71 -15.51
CA ALA A 274 14.35 -35.29 -14.12
C ALA A 274 13.54 -36.29 -13.27
N ILE A 275 12.42 -36.77 -13.80
CA ILE A 275 11.59 -37.74 -13.08
C ILE A 275 12.36 -39.08 -12.90
N LEU A 276 13.05 -39.50 -13.96
CA LEU A 276 13.85 -40.73 -13.92
C LEU A 276 14.91 -40.64 -12.83
N GLU A 277 15.67 -39.54 -12.82
CA GLU A 277 16.71 -39.40 -11.82
C GLU A 277 16.14 -39.48 -10.40
N ALA A 278 15.05 -38.77 -10.15
CA ALA A 278 14.41 -38.79 -8.86
C ALA A 278 13.99 -40.22 -8.46
N CYS A 279 13.46 -40.96 -9.44
CA CYS A 279 13.02 -42.35 -9.23
C CYS A 279 14.17 -43.30 -8.98
N LEU A 280 15.31 -43.09 -9.65
CA LEU A 280 16.48 -43.87 -9.36
C LEU A 280 16.92 -43.61 -7.91
N CYS A 281 16.87 -42.34 -7.51
CA CYS A 281 17.28 -41.90 -6.18
C CYS A 281 16.13 -42.02 -5.17
N SER B 1 -3.52 22.06 38.06
CA SER B 1 -3.66 22.93 39.28
C SER B 1 -4.37 24.20 38.85
N MET B 2 -3.88 24.80 37.76
CA MET B 2 -4.67 25.79 37.00
C MET B 2 -5.77 25.06 36.22
N ALA B 3 -5.75 23.73 36.19
CA ALA B 3 -6.77 23.01 35.49
C ALA B 3 -8.12 23.26 36.16
N ILE B 4 -9.16 23.22 35.35
CA ILE B 4 -10.54 23.43 35.77
C ILE B 4 -11.31 22.10 35.70
N ARG B 5 -11.93 21.69 36.79
CA ARG B 5 -12.79 20.51 36.76
C ARG B 5 -13.90 20.71 35.73
N VAL B 6 -14.23 19.66 34.96
CA VAL B 6 -15.35 19.74 34.00
C VAL B 6 -16.63 20.17 34.70
N ALA B 7 -16.86 19.64 35.90
CA ALA B 7 -18.00 20.05 36.72
C ALA B 7 -17.98 21.57 37.02
N ASP B 8 -16.80 22.19 37.03
CA ASP B 8 -16.69 23.66 37.34
C ASP B 8 -16.57 24.58 36.11
N LEU B 9 -16.58 23.95 34.94
CA LEU B 9 -16.34 24.68 33.66
C LEU B 9 -17.40 25.76 33.35
N LEU B 10 -18.67 25.42 33.54
CA LEU B 10 -19.74 26.38 33.30
C LEU B 10 -19.55 27.63 34.19
N GLN B 11 -19.34 27.39 35.48
CA GLN B 11 -19.14 28.51 36.40
C GLN B 11 -17.89 29.32 36.06
N HIS B 12 -16.79 28.64 35.70
CA HIS B 12 -15.59 29.32 35.25
C HIS B 12 -15.87 30.26 34.05
N ILE B 13 -16.56 29.71 33.05
CA ILE B 13 -16.87 30.45 31.79
C ILE B 13 -17.78 31.66 32.08
N THR B 14 -18.81 31.45 32.90
CA THR B 14 -19.67 32.53 33.40
C THR B 14 -18.86 33.67 34.00
N GLN B 15 -17.99 33.33 34.95
CA GLN B 15 -17.21 34.37 35.63
C GLN B 15 -16.39 35.16 34.64
N MET B 16 -15.87 34.46 33.65
CA MET B 16 -15.01 35.07 32.66
C MET B 16 -15.73 35.97 31.65
N LYS B 17 -17.05 35.76 31.49
CA LYS B 17 -17.90 36.59 30.64
C LYS B 17 -18.48 37.82 31.37
N ARG B 18 -18.46 37.83 32.71
CA ARG B 18 -18.93 38.98 33.47
C ARG B 18 -18.11 40.22 33.13
N GLY B 19 -18.72 41.40 33.32
CA GLY B 19 -18.06 42.67 32.96
C GLY B 19 -17.68 42.73 31.51
N GLN B 20 -18.62 42.33 30.62
CA GLN B 20 -18.38 42.34 29.19
C GLN B 20 -17.14 41.50 28.81
N GLY B 21 -16.97 40.34 29.41
CA GLY B 21 -15.85 39.44 29.06
C GLY B 21 -14.51 39.88 29.62
N TYR B 22 -14.53 40.63 30.71
CA TYR B 22 -13.29 41.11 31.34
C TYR B 22 -12.27 39.99 31.56
N GLY B 23 -12.69 38.92 32.21
CA GLY B 23 -11.82 37.81 32.53
C GLY B 23 -11.24 37.14 31.30
N PHE B 24 -12.05 36.95 30.25
CA PHE B 24 -11.57 36.36 29.01
C PHE B 24 -10.55 37.30 28.35
N LYS B 25 -10.81 38.60 28.36
CA LYS B 25 -9.89 39.55 27.72
C LYS B 25 -8.53 39.54 28.41
N GLU B 26 -8.57 39.56 29.73
CA GLU B 26 -7.36 39.60 30.53
C GLU B 26 -6.54 38.33 30.36
N GLU B 27 -7.21 37.18 30.40
CA GLU B 27 -6.54 35.90 30.22
C GLU B 27 -5.97 35.77 28.80
N TYR B 28 -6.76 36.15 27.77
CA TYR B 28 -6.29 36.10 26.38
C TYR B 28 -5.03 36.97 26.19
N GLU B 29 -5.04 38.13 26.82
CA GLU B 29 -3.89 39.05 26.69
C GLU B 29 -2.64 38.54 27.42
N ALA B 30 -2.80 37.58 28.33
CA ALA B 30 -1.67 36.94 28.99
C ALA B 30 -0.99 35.86 28.10
N LEU B 31 -1.62 35.45 27.01
CA LEU B 31 -0.99 34.48 26.10
C LEU B 31 0.19 35.17 25.34
N PRO B 32 1.23 34.41 24.96
CA PRO B 32 2.34 35.03 24.24
C PRO B 32 1.97 35.30 22.81
N GLU B 33 2.04 36.55 22.38
CA GLU B 33 1.60 36.90 21.03
C GLU B 33 2.81 37.10 20.15
N GLY B 34 2.66 36.78 18.87
CA GLY B 34 3.75 36.99 17.93
C GLY B 34 4.91 36.03 18.11
N GLN B 35 6.06 36.45 17.60
CA GLN B 35 7.20 35.57 17.43
C GLN B 35 7.85 35.28 18.78
N THR B 36 7.87 34.00 19.17
CA THR B 36 8.60 33.59 20.36
C THR B 36 9.80 32.69 20.11
N ALA B 37 10.08 32.33 18.86
CA ALA B 37 11.18 31.43 18.53
C ALA B 37 11.64 31.77 17.13
N SER B 38 12.86 31.35 16.82
CA SER B 38 13.45 31.66 15.53
C SER B 38 12.66 31.02 14.37
N TRP B 39 12.65 31.71 13.23
CA TRP B 39 12.10 31.17 11.97
C TRP B 39 12.99 31.57 10.77
N ASP B 40 14.30 31.34 10.95
CA ASP B 40 15.33 31.77 10.02
C ASP B 40 15.06 31.16 8.63
N THR B 41 14.75 29.85 8.59
CA THR B 41 14.54 29.18 7.28
C THR B 41 13.32 29.80 6.59
N ALA B 42 12.25 29.99 7.35
CA ALA B 42 11.01 30.55 6.86
C ALA B 42 11.20 31.96 6.23
N LYS B 43 12.17 32.70 6.74
CA LYS B 43 12.46 34.07 6.30
C LYS B 43 13.43 34.16 5.17
N GLU B 44 14.03 33.04 4.72
CA GLU B 44 14.98 33.09 3.57
C GLU B 44 14.26 33.70 2.37
N ASP B 45 14.96 34.54 1.63
CA ASP B 45 14.38 35.15 0.44
C ASP B 45 13.74 34.12 -0.48
N GLU B 46 14.40 32.97 -0.64
CA GLU B 46 13.95 31.95 -1.55
C GLU B 46 12.66 31.29 -1.09
N ASN B 47 12.27 31.50 0.17
CA ASN B 47 11.04 30.94 0.67
C ASN B 47 9.87 31.94 0.79
N ARG B 48 10.11 33.19 0.39
CA ARG B 48 9.08 34.18 0.62
C ARG B 48 7.78 33.82 -0.09
N ASN B 49 7.89 33.33 -1.32
CA ASN B 49 6.68 32.98 -2.10
C ASN B 49 6.08 31.66 -1.70
N LYS B 50 6.56 31.06 -0.61
CA LYS B 50 5.95 29.85 -0.09
C LYS B 50 5.14 30.09 1.20
N ASN B 51 5.13 31.34 1.66
CA ASN B 51 4.39 31.71 2.86
C ASN B 51 3.22 32.58 2.49
N ARG B 52 2.02 32.25 2.96
CA ARG B 52 0.84 33.02 2.56
C ARG B 52 0.78 34.37 3.26
N TYR B 53 1.00 34.37 4.57
CA TYR B 53 1.04 35.59 5.41
C TYR B 53 2.36 35.57 6.17
N GLY B 54 3.21 36.55 5.90
CA GLY B 54 4.59 36.54 6.40
C GLY B 54 4.77 36.67 7.93
N ASN B 55 3.70 37.03 8.66
CA ASN B 55 3.70 37.06 10.12
C ASN B 55 3.32 35.71 10.75
N ILE B 56 2.80 34.80 9.93
CA ILE B 56 2.43 33.48 10.41
C ILE B 56 3.25 32.45 9.61
N ILE B 57 4.50 32.25 10.03
CA ILE B 57 5.46 31.38 9.31
C ILE B 57 6.08 30.43 10.34
N SER B 58 6.77 29.41 9.82
CA SER B 58 7.12 28.22 10.57
C SER B 58 8.36 28.41 11.46
N TYR B 59 8.25 28.20 12.76
CA TYR B 59 9.44 28.15 13.63
C TYR B 59 10.41 27.02 13.24
N ASP B 60 11.72 27.33 13.29
CA ASP B 60 12.78 26.37 12.96
C ASP B 60 12.64 25.08 13.79
N HIS B 61 12.46 25.24 15.10
CA HIS B 61 12.51 24.10 16.02
C HIS B 61 11.42 23.04 15.84
N SER B 62 10.28 23.42 15.28
CA SER B 62 9.14 22.51 15.14
C SER B 62 8.75 22.36 13.70
N ARG B 63 9.59 22.87 12.80
CA ARG B 63 9.23 22.91 11.41
C ARG B 63 9.27 21.50 10.80
N VAL B 64 8.35 21.28 9.87
CA VAL B 64 8.31 20.02 9.12
C VAL B 64 9.29 20.15 7.96
N ARG B 65 10.41 19.48 8.06
CA ARG B 65 11.43 19.57 7.00
C ARG B 65 11.19 18.52 5.91
N LEU B 66 11.17 18.97 4.65
CA LEU B 66 11.05 18.09 3.51
C LEU B 66 12.45 17.64 3.01
N LEU B 67 12.56 16.38 2.61
CA LEU B 67 13.76 15.91 1.93
C LEU B 67 13.97 16.73 0.69
N VAL B 68 15.21 17.13 0.44
CA VAL B 68 15.50 18.10 -0.64
C VAL B 68 15.33 17.51 -2.06
N LEU B 69 14.78 18.32 -2.98
CA LEU B 69 14.71 17.94 -4.38
C LEU B 69 16.06 18.25 -5.01
N ASP B 70 16.50 17.34 -5.87
CA ASP B 70 17.78 17.50 -6.52
C ASP B 70 17.97 18.88 -7.10
N GLY B 71 19.06 19.52 -6.73
CA GLY B 71 19.41 20.80 -7.30
C GLY B 71 18.77 22.02 -6.66
N ASP B 72 17.92 21.83 -5.64
CA ASP B 72 17.29 22.96 -4.96
C ASP B 72 17.44 22.85 -3.44
N PRO B 73 18.45 23.53 -2.87
CA PRO B 73 18.71 23.46 -1.43
C PRO B 73 17.65 24.16 -0.57
N HIS B 74 16.78 24.97 -1.18
CA HIS B 74 15.68 25.53 -0.44
C HIS B 74 14.39 24.74 -0.59
N SER B 75 14.47 23.57 -1.24
CA SER B 75 13.28 22.74 -1.42
C SER B 75 12.89 21.90 -0.17
N ASP B 76 13.50 22.20 0.97
CA ASP B 76 13.16 21.54 2.23
C ASP B 76 12.06 22.25 3.00
N TYR B 77 11.55 23.36 2.44
CA TYR B 77 10.66 24.24 3.18
C TYR B 77 9.20 24.11 2.80
N ILE B 78 8.38 23.98 3.86
CA ILE B 78 6.97 24.25 3.79
C ILE B 78 6.54 24.96 5.08
N ASN B 79 5.59 25.87 4.95
CA ASN B 79 5.11 26.61 6.09
C ASN B 79 4.21 25.70 6.94
N ALA B 80 4.84 24.87 7.74
CA ALA B 80 4.14 23.85 8.53
C ALA B 80 4.95 23.56 9.77
N ASN B 81 4.28 23.20 10.87
CA ASN B 81 4.97 22.85 12.13
C ASN B 81 4.30 21.65 12.76
N TYR B 82 5.08 20.74 13.28
CA TYR B 82 4.55 19.69 14.12
C TYR B 82 3.92 20.32 15.37
N ILE B 83 2.80 19.75 15.80
CA ILE B 83 2.17 20.14 17.06
C ILE B 83 1.86 18.87 17.86
N ASP B 84 2.22 18.88 19.14
CA ASP B 84 1.99 17.78 20.07
C ASP B 84 0.51 17.67 20.38
N GLY B 85 0.04 16.43 20.52
CA GLY B 85 -1.30 16.16 20.97
C GLY B 85 -1.36 15.93 22.44
N TYR B 86 -2.57 15.68 22.94
CA TYR B 86 -2.74 15.34 24.32
C TYR B 86 -1.98 14.06 24.67
N HIS B 87 -2.05 13.04 23.81
CA HIS B 87 -1.41 11.74 24.09
C HIS B 87 0.03 11.62 23.52
N ARG B 88 0.27 12.19 22.35
CA ARG B 88 1.41 11.87 21.52
C ARG B 88 2.09 13.10 20.97
N PRO B 89 3.43 13.10 20.96
CA PRO B 89 4.11 14.23 20.36
C PRO B 89 3.93 14.23 18.84
N ARG B 90 3.98 15.39 18.19
CA ARG B 90 3.89 15.44 16.74
C ARG B 90 2.64 14.75 16.24
N HIS B 91 1.57 14.85 17.00
CA HIS B 91 0.28 14.33 16.64
C HIS B 91 -0.34 15.04 15.42
N TYR B 92 -0.15 16.35 15.31
CA TYR B 92 -0.66 17.11 14.17
C TYR B 92 0.49 17.81 13.44
N ILE B 93 0.19 18.22 12.22
CA ILE B 93 0.96 19.21 11.53
C ILE B 93 0.00 20.37 11.25
N ALA B 94 0.37 21.56 11.74
CA ALA B 94 -0.41 22.78 11.52
C ALA B 94 0.26 23.53 10.40
N THR B 95 -0.51 23.84 9.36
CA THR B 95 0.02 24.48 8.18
C THR B 95 -1.00 25.46 7.55
N GLN B 96 -0.51 26.21 6.60
CA GLN B 96 -1.30 27.16 5.85
C GLN B 96 -2.07 26.42 4.75
N GLY B 97 -3.12 27.06 4.24
CA GLY B 97 -3.83 26.58 3.05
C GLY B 97 -2.82 26.63 1.91
N PRO B 98 -2.68 25.55 1.15
CA PRO B 98 -1.74 25.62 0.04
C PRO B 98 -1.93 26.82 -0.89
N MET B 99 -0.82 27.24 -1.47
CA MET B 99 -0.77 28.28 -2.46
C MET B 99 -0.48 27.63 -3.78
N GLN B 100 -0.71 28.34 -4.85
CA GLN B 100 -0.41 27.78 -6.16
C GLN B 100 1.05 27.26 -6.22
N GLU B 101 1.99 28.02 -5.64
CA GLU B 101 3.41 27.63 -5.66
C GLU B 101 3.77 26.45 -4.75
N THR B 102 2.88 26.10 -3.83
CA THR B 102 3.18 25.10 -2.79
C THR B 102 2.39 23.81 -2.84
N VAL B 103 1.48 23.67 -3.81
CA VAL B 103 0.65 22.45 -3.84
C VAL B 103 1.51 21.13 -3.96
N LYS B 104 2.53 21.14 -4.83
CA LYS B 104 3.44 20.01 -4.94
C LYS B 104 4.13 19.74 -3.62
N ASP B 105 4.61 20.81 -2.97
CA ASP B 105 5.26 20.70 -1.65
C ASP B 105 4.33 20.05 -0.61
N PHE B 106 3.08 20.48 -0.63
CA PHE B 106 2.08 20.01 0.34
C PHE B 106 1.90 18.50 0.18
N TRP B 107 1.72 18.04 -1.04
CA TRP B 107 1.58 16.60 -1.29
C TRP B 107 2.88 15.84 -0.99
N ARG B 108 4.03 16.43 -1.24
CA ARG B 108 5.29 15.85 -0.86
C ARG B 108 5.35 15.60 0.63
N MET B 109 4.90 16.60 1.39
CA MET B 109 4.77 16.53 2.83
C MET B 109 3.87 15.38 3.25
N ILE B 110 2.69 15.34 2.66
CA ILE B 110 1.71 14.25 2.97
C ILE B 110 2.33 12.88 2.79
N TRP B 111 2.99 12.69 1.66
CA TRP B 111 3.61 11.37 1.39
C TRP B 111 4.74 11.11 2.37
N GLN B 112 5.65 12.06 2.50
CA GLN B 112 6.78 11.91 3.41
C GLN B 112 6.38 11.56 4.83
N GLU B 113 5.34 12.21 5.33
CA GLU B 113 4.99 12.10 6.74
C GLU B 113 3.98 10.97 7.01
N ASN B 114 3.58 10.30 5.93
CA ASN B 114 2.61 9.18 6.00
C ASN B 114 1.25 9.64 6.61
N SER B 115 0.81 10.86 6.30
CA SER B 115 -0.40 11.36 6.88
C SER B 115 -1.56 10.68 6.17
N ALA B 116 -2.59 10.32 6.93
CA ALA B 116 -3.81 9.73 6.42
C ALA B 116 -5.03 10.67 6.48
N SER B 117 -4.88 11.82 7.17
CA SER B 117 -6.01 12.69 7.39
C SER B 117 -5.57 14.13 7.21
N ILE B 118 -6.37 14.87 6.45
CA ILE B 118 -6.20 16.32 6.28
C ILE B 118 -7.50 16.97 6.80
N VAL B 119 -7.34 17.97 7.66
CA VAL B 119 -8.47 18.67 8.28
C VAL B 119 -8.36 20.12 7.81
N MET B 120 -9.32 20.48 6.97
CA MET B 120 -9.36 21.77 6.26
C MET B 120 -10.48 22.61 6.84
N VAL B 121 -10.12 23.73 7.46
CA VAL B 121 -11.08 24.55 8.19
C VAL B 121 -11.21 25.93 7.54
N THR B 122 -11.46 25.92 6.25
CA THR B 122 -11.72 27.16 5.50
C THR B 122 -12.47 26.77 4.24
N ASN B 123 -13.17 27.74 3.66
CA ASN B 123 -13.60 27.65 2.29
C ASN B 123 -12.49 28.21 1.41
N LEU B 124 -12.52 27.85 0.13
CA LEU B 124 -11.49 28.27 -0.80
C LEU B 124 -11.55 29.80 -1.01
N VAL B 125 -12.78 30.30 -1.08
CA VAL B 125 -13.05 31.72 -1.21
C VAL B 125 -13.99 32.20 -0.13
N GLU B 126 -13.62 33.28 0.55
CA GLU B 126 -14.44 33.88 1.59
C GLU B 126 -14.41 35.41 1.44
N VAL B 127 -15.56 36.04 1.51
CA VAL B 127 -15.64 37.50 1.45
C VAL B 127 -14.80 38.03 0.28
N GLY B 128 -14.98 37.44 -0.88
CA GLY B 128 -14.34 37.93 -2.09
C GLY B 128 -12.84 37.77 -2.19
N ARG B 129 -12.25 36.87 -1.37
CA ARG B 129 -10.81 36.66 -1.33
C ARG B 129 -10.51 35.18 -1.33
N VAL B 130 -9.52 34.76 -2.12
CA VAL B 130 -9.07 33.38 -2.15
C VAL B 130 -8.27 33.15 -0.88
N LYS B 131 -8.72 32.17 -0.11
CA LYS B 131 -8.10 31.82 1.17
C LYS B 131 -7.19 30.58 1.06
N CYS B 132 -7.39 29.79 0.01
CA CYS B 132 -6.65 28.53 -0.17
C CYS B 132 -6.86 28.15 -1.62
N VAL B 133 -5.89 27.51 -2.29
CA VAL B 133 -6.14 27.00 -3.65
C VAL B 133 -6.70 25.57 -3.58
N ARG B 134 -7.41 25.15 -4.62
CA ARG B 134 -7.96 23.78 -4.67
C ARG B 134 -6.78 22.82 -4.95
N TYR B 135 -6.42 22.01 -3.98
CA TYR B 135 -5.25 21.15 -4.08
C TYR B 135 -5.60 19.67 -4.20
N TRP B 136 -6.89 19.37 -4.37
CA TRP B 136 -7.34 18.00 -4.45
C TRP B 136 -8.17 17.80 -5.74
N PRO B 137 -8.22 16.56 -6.25
CA PRO B 137 -8.81 16.28 -7.56
C PRO B 137 -10.33 16.08 -7.56
N ASP B 138 -10.99 16.50 -8.64
CA ASP B 138 -12.38 16.11 -8.90
C ASP B 138 -12.44 14.63 -9.21
N ASP B 139 -11.43 14.12 -9.91
CA ASP B 139 -11.35 12.74 -10.31
C ASP B 139 -9.94 12.24 -9.99
N THR B 140 -8.95 12.58 -10.83
CA THR B 140 -7.56 12.19 -10.56
C THR B 140 -6.64 13.26 -11.08
N GLU B 141 -5.56 13.51 -10.34
CA GLU B 141 -4.54 14.50 -10.72
C GLU B 141 -3.21 14.05 -10.10
N VAL B 142 -2.12 14.54 -10.68
CA VAL B 142 -0.80 14.25 -10.16
C VAL B 142 -0.11 15.54 -9.74
N TYR B 143 0.34 15.59 -8.50
CA TYR B 143 0.98 16.74 -7.92
C TYR B 143 2.47 16.33 -7.70
N GLY B 144 3.35 16.89 -8.51
CA GLY B 144 4.73 16.47 -8.64
C GLY B 144 4.72 15.08 -9.24
N ASP B 145 4.92 14.07 -8.38
CA ASP B 145 4.80 12.67 -8.75
C ASP B 145 3.80 11.92 -7.87
N ILE B 146 2.97 12.66 -7.14
CA ILE B 146 2.01 12.02 -6.24
C ILE B 146 0.63 11.99 -6.93
N LYS B 147 0.16 10.79 -7.25
CA LYS B 147 -1.11 10.58 -7.91
C LYS B 147 -2.21 10.42 -6.87
N VAL B 148 -3.20 11.30 -6.94
CA VAL B 148 -4.34 11.34 -6.01
C VAL B 148 -5.63 11.11 -6.82
N THR B 149 -6.46 10.20 -6.36
CA THR B 149 -7.66 9.82 -7.02
C THR B 149 -8.82 9.80 -6.00
N LEU B 150 -9.86 10.54 -6.32
CA LEU B 150 -11.05 10.58 -5.51
C LEU B 150 -11.76 9.24 -5.60
N ILE B 151 -12.06 8.64 -4.46
CA ILE B 151 -12.87 7.38 -4.43
C ILE B 151 -14.19 7.45 -3.68
N GLU B 152 -14.40 8.47 -2.85
CA GLU B 152 -15.68 8.63 -2.18
C GLU B 152 -15.85 10.06 -1.72
N THR B 153 -17.08 10.57 -1.77
CA THR B 153 -17.46 11.90 -1.19
C THR B 153 -18.64 11.68 -0.26
N GLU B 154 -18.51 12.10 1.00
CA GLU B 154 -19.58 12.04 1.96
C GLU B 154 -19.93 13.49 2.37
N PRO B 155 -20.88 14.10 1.64
CA PRO B 155 -21.21 15.48 1.89
C PRO B 155 -22.28 15.62 2.93
N LEU B 156 -21.99 16.36 3.99
CA LEU B 156 -23.02 16.71 4.98
C LEU B 156 -23.26 18.22 4.88
N ALA B 157 -24.26 18.72 5.58
CA ALA B 157 -24.57 20.17 5.47
C ALA B 157 -23.43 21.08 6.00
N GLU B 158 -22.79 20.65 7.09
CA GLU B 158 -21.72 21.44 7.76
C GLU B 158 -20.29 21.19 7.33
N TYR B 159 -20.07 20.06 6.67
CA TYR B 159 -18.76 19.59 6.29
C TYR B 159 -18.87 18.45 5.30
N VAL B 160 -17.76 18.19 4.61
CA VAL B 160 -17.70 17.08 3.64
C VAL B 160 -16.45 16.29 3.87
N ILE B 161 -16.57 14.98 3.81
CA ILE B 161 -15.42 14.09 3.91
C ILE B 161 -15.15 13.48 2.53
N ARG B 162 -13.96 13.75 2.00
CA ARG B 162 -13.53 13.21 0.71
C ARG B 162 -12.44 12.17 0.95
N THR B 163 -12.59 10.99 0.33
CA THR B 163 -11.65 9.90 0.44
C THR B 163 -10.94 9.66 -0.86
N PHE B 164 -9.61 9.54 -0.78
CA PHE B 164 -8.72 9.45 -1.96
C PHE B 164 -7.80 8.25 -1.79
N THR B 165 -7.36 7.71 -2.90
CA THR B 165 -6.12 6.94 -2.90
C THR B 165 -4.99 7.88 -3.22
N VAL B 166 -3.84 7.55 -2.68
CA VAL B 166 -2.62 8.34 -2.84
C VAL B 166 -1.46 7.38 -3.18
N GLN B 167 -0.72 7.69 -4.23
CA GLN B 167 0.37 6.84 -4.71
C GLN B 167 1.49 7.68 -5.30
N LYS B 168 2.71 7.35 -4.95
CA LYS B 168 3.89 7.96 -5.52
C LYS B 168 4.30 7.15 -6.75
N LYS B 169 4.38 7.87 -7.85
CA LYS B 169 4.54 7.23 -9.16
C LYS B 169 5.94 6.60 -9.19
N GLY B 170 5.98 5.40 -9.77
CA GLY B 170 7.20 4.60 -9.75
C GLY B 170 7.22 3.58 -8.64
N TYR B 171 6.34 3.73 -7.64
CA TYR B 171 6.33 2.84 -6.49
C TYR B 171 4.93 2.22 -6.36
N HIS B 172 4.85 1.12 -5.62
CA HIS B 172 3.67 0.25 -5.61
C HIS B 172 2.75 0.46 -4.44
N GLU B 173 3.17 1.27 -3.48
CA GLU B 173 2.34 1.55 -2.29
C GLU B 173 1.19 2.47 -2.63
N ILE B 174 0.00 2.06 -2.20
CA ILE B 174 -1.23 2.83 -2.44
C ILE B 174 -1.88 3.10 -1.09
N ARG B 175 -1.95 4.36 -0.71
CA ARG B 175 -2.45 4.78 0.60
C ARG B 175 -3.85 5.34 0.47
N GLU B 176 -4.61 5.24 1.56
CA GLU B 176 -5.94 5.82 1.64
C GLU B 176 -5.85 7.06 2.53
N LEU B 177 -6.43 8.15 2.06
CA LEU B 177 -6.36 9.45 2.74
C LEU B 177 -7.75 10.07 2.77
N ARG B 178 -8.12 10.66 3.91
CA ARG B 178 -9.33 11.44 4.02
C ARG B 178 -9.07 12.92 4.26
N LEU B 179 -9.78 13.71 3.48
CA LEU B 179 -9.82 15.17 3.61
C LEU B 179 -11.15 15.56 4.25
N PHE B 180 -11.07 15.95 5.50
CA PHE B 180 -12.22 16.38 6.30
C PHE B 180 -12.29 17.86 6.10
N HIS B 181 -13.28 18.29 5.33
CA HIS B 181 -13.38 19.71 4.93
C HIS B 181 -14.57 20.34 5.68
N PHE B 182 -14.23 21.17 6.66
CA PHE B 182 -15.24 21.99 7.39
C PHE B 182 -15.58 23.21 6.55
N THR B 183 -16.84 23.25 6.09
CA THR B 183 -17.29 24.25 5.12
C THR B 183 -18.25 25.28 5.71
N SER B 184 -18.50 25.21 7.00
CA SER B 184 -19.56 26.02 7.61
C SER B 184 -19.03 27.07 8.54
N TRP B 185 -17.73 27.26 8.60
CA TRP B 185 -17.20 28.39 9.43
C TRP B 185 -17.61 29.72 8.81
N PRO B 186 -18.25 30.62 9.59
CA PRO B 186 -18.76 31.83 8.91
C PRO B 186 -17.65 32.72 8.35
N ASP B 187 -17.96 33.53 7.33
CA ASP B 187 -16.98 34.45 6.71
C ASP B 187 -16.39 35.48 7.69
N HIS B 188 -17.19 35.91 8.67
CA HIS B 188 -16.72 36.75 9.77
C HIS B 188 -17.06 36.10 11.11
N GLY B 189 -16.12 36.22 12.05
CA GLY B 189 -16.37 35.79 13.40
C GLY B 189 -16.25 34.29 13.48
N VAL B 190 -16.78 33.76 14.56
CA VAL B 190 -16.68 32.35 14.89
C VAL B 190 -18.07 31.74 14.69
N PRO B 191 -18.16 30.40 14.58
CA PRO B 191 -19.48 29.74 14.44
C PRO B 191 -20.41 30.14 15.59
N CYS B 192 -21.70 30.36 15.33
CA CYS B 192 -22.60 30.78 16.42
C CYS B 192 -23.15 29.63 17.23
N TYR B 193 -22.78 28.41 16.85
CA TYR B 193 -23.09 27.20 17.60
C TYR B 193 -21.91 26.26 17.38
N ALA B 194 -21.65 25.38 18.33
CA ALA B 194 -20.47 24.51 18.27
C ALA B 194 -20.73 23.11 17.79
N THR B 195 -22.00 22.74 17.63
CA THR B 195 -22.37 21.36 17.40
C THR B 195 -21.85 20.76 16.09
N GLY B 196 -21.86 21.53 15.01
CA GLY B 196 -21.31 21.05 13.75
C GLY B 196 -19.80 20.78 13.85
N LEU B 197 -19.07 21.71 14.43
CA LEU B 197 -17.64 21.51 14.61
C LEU B 197 -17.34 20.34 15.54
N LEU B 198 -18.10 20.19 16.61
CA LEU B 198 -17.91 18.99 17.46
C LEU B 198 -18.18 17.68 16.74
N GLY B 199 -19.23 17.64 15.91
CA GLY B 199 -19.50 16.46 15.10
C GLY B 199 -18.31 16.14 14.18
N PHE B 200 -17.77 17.19 13.58
CA PHE B 200 -16.63 17.12 12.68
C PHE B 200 -15.40 16.55 13.38
N VAL B 201 -15.11 17.10 14.57
CA VAL B 201 -13.99 16.57 15.39
C VAL B 201 -14.19 15.10 15.68
N ARG B 202 -15.41 14.71 16.05
CA ARG B 202 -15.73 13.29 16.27
C ARG B 202 -15.42 12.39 15.08
N GLN B 203 -15.74 12.87 13.87
CA GLN B 203 -15.42 12.12 12.63
C GLN B 203 -13.94 11.84 12.50
N VAL B 204 -13.15 12.87 12.76
CA VAL B 204 -11.68 12.76 12.64
C VAL B 204 -11.18 11.78 13.68
N LYS B 205 -11.68 11.92 14.92
CA LYS B 205 -11.31 10.96 15.99
C LYS B 205 -11.66 9.51 15.65
N PHE B 206 -12.86 9.26 15.14
CA PHE B 206 -13.26 7.91 14.74
C PHE B 206 -12.46 7.33 13.58
N LEU B 207 -12.12 8.18 12.62
CA LEU B 207 -11.70 7.69 11.33
C LEU B 207 -10.19 7.72 11.12
N ASN B 208 -9.51 8.68 11.72
CA ASN B 208 -8.06 8.74 11.49
C ASN B 208 -7.37 7.42 11.95
N PRO B 209 -6.57 6.80 11.08
CA PRO B 209 -5.88 5.56 11.56
C PRO B 209 -4.74 5.95 12.47
N PRO B 210 -4.77 5.40 13.70
CA PRO B 210 -3.78 5.84 14.68
C PRO B 210 -2.33 5.44 14.37
N GLU B 211 -2.14 4.43 13.53
CA GLU B 211 -0.82 4.07 13.07
C GLU B 211 -0.23 4.92 11.96
N ALA B 212 -1.00 5.87 11.44
CA ALA B 212 -0.54 6.72 10.35
C ALA B 212 0.27 7.86 10.97
N GLY B 213 0.77 8.74 10.11
CA GLY B 213 1.51 9.86 10.54
C GLY B 213 0.58 10.98 11.03
N PRO B 214 1.17 12.16 11.20
CA PRO B 214 0.42 13.28 11.78
C PRO B 214 -0.76 13.73 10.92
N ILE B 215 -1.78 14.17 11.66
CA ILE B 215 -3.01 14.68 11.11
C ILE B 215 -2.70 16.11 10.63
N VAL B 216 -2.85 16.37 9.34
CA VAL B 216 -2.52 17.68 8.79
C VAL B 216 -3.74 18.62 9.01
N VAL B 217 -3.52 19.75 9.67
CA VAL B 217 -4.60 20.71 9.92
C VAL B 217 -4.22 22.04 9.32
N HIS B 218 -5.17 22.61 8.56
CA HIS B 218 -4.95 23.92 7.95
C HIS B 218 -6.20 24.74 7.83
N CYS B 219 -5.99 26.04 7.74
CA CYS B 219 -7.04 26.99 7.39
C CYS B 219 -6.48 27.85 6.28
N SER B 220 -6.46 29.18 6.42
CA SER B 220 -5.81 30.04 5.37
C SER B 220 -4.37 30.27 5.84
N ALA B 221 -4.16 31.07 6.88
CA ALA B 221 -2.80 31.31 7.36
C ALA B 221 -2.20 30.14 8.15
N GLY B 222 -3.03 29.29 8.77
CA GLY B 222 -2.55 28.18 9.59
C GLY B 222 -2.38 28.47 11.08
N ALA B 223 -3.13 29.46 11.58
CA ALA B 223 -3.07 29.85 12.99
C ALA B 223 -4.43 29.80 13.73
N GLY B 224 -5.43 30.50 13.22
CA GLY B 224 -6.62 30.79 14.04
C GLY B 224 -7.54 29.60 14.16
N ARG B 225 -8.22 29.30 13.07
CA ARG B 225 -9.14 28.16 13.03
C ARG B 225 -8.40 26.84 13.22
N THR B 226 -7.21 26.77 12.63
CA THR B 226 -6.28 25.63 12.82
C THR B 226 -6.06 25.39 14.32
N GLY B 227 -5.76 26.46 15.03
CA GLY B 227 -5.56 26.42 16.47
C GLY B 227 -6.81 26.04 17.23
N CYS B 228 -7.96 26.56 16.81
CA CYS B 228 -9.22 26.20 17.44
C CYS B 228 -9.46 24.68 17.33
N PHE B 229 -9.31 24.13 16.14
CA PHE B 229 -9.51 22.69 15.95
C PHE B 229 -8.59 21.92 16.91
N ILE B 230 -7.30 22.25 16.88
CA ILE B 230 -6.32 21.50 17.72
C ILE B 230 -6.63 21.65 19.21
N ALA B 231 -6.94 22.86 19.65
CA ALA B 231 -7.26 23.11 21.06
C ALA B 231 -8.49 22.32 21.51
N ILE B 232 -9.52 22.33 20.69
CA ILE B 232 -10.76 21.60 21.04
C ILE B 232 -10.50 20.09 21.10
N ASP B 233 -9.89 19.57 20.06
CA ASP B 233 -9.58 18.17 19.98
C ASP B 233 -8.77 17.73 21.20
N THR B 234 -7.77 18.51 21.55
CA THR B 234 -6.85 18.16 22.63
C THR B 234 -7.55 18.21 23.99
N MET B 235 -8.35 19.25 24.19
CA MET B 235 -9.06 19.45 25.45
C MET B 235 -10.20 18.39 25.62
N LEU B 236 -10.82 17.96 24.53
CA LEU B 236 -11.79 16.84 24.65
C LEU B 236 -11.11 15.56 25.19
N ASP B 237 -9.91 15.26 24.69
CA ASP B 237 -9.14 14.12 25.19
C ASP B 237 -8.78 14.31 26.69
N MET B 238 -8.36 15.52 27.05
CA MET B 238 -8.03 15.76 28.47
C MET B 238 -9.27 15.60 29.37
N ALA B 239 -10.40 16.17 28.92
CA ALA B 239 -11.66 16.06 29.67
C ALA B 239 -12.00 14.57 29.86
N GLU B 240 -11.95 13.82 28.75
CA GLU B 240 -12.33 12.40 28.76
C GLU B 240 -11.49 11.61 29.73
N ASN B 241 -10.20 11.87 29.70
CA ASN B 241 -9.25 11.04 30.50
C ASN B 241 -9.07 11.49 31.94
N GLU B 242 -9.09 12.81 32.18
CA GLU B 242 -8.82 13.41 33.51
C GLU B 242 -10.00 14.08 34.20
N GLY B 243 -11.08 14.39 33.49
CA GLY B 243 -12.21 15.08 34.09
C GLY B 243 -11.91 16.53 34.43
N VAL B 244 -10.87 17.07 33.80
CA VAL B 244 -10.48 18.49 33.93
C VAL B 244 -10.06 18.98 32.56
N VAL B 245 -10.07 20.31 32.37
CA VAL B 245 -9.47 20.93 31.16
C VAL B 245 -8.57 22.11 31.58
N ASP B 246 -7.56 22.39 30.78
CA ASP B 246 -6.67 23.52 31.00
C ASP B 246 -6.41 24.18 29.68
N ILE B 247 -7.37 25.02 29.30
CA ILE B 247 -7.38 25.62 27.96
C ILE B 247 -6.29 26.66 27.85
N PHE B 248 -6.11 27.46 28.90
CA PHE B 248 -5.08 28.51 28.87
C PHE B 248 -3.69 27.89 28.63
N ASN B 249 -3.29 26.90 29.42
CA ASN B 249 -1.96 26.27 29.22
C ASN B 249 -1.89 25.47 27.91
N CYS B 250 -3.00 24.87 27.50
CA CYS B 250 -3.04 24.26 26.16
C CYS B 250 -2.65 25.27 25.06
N VAL B 251 -3.32 26.42 25.05
CA VAL B 251 -3.05 27.41 24.01
C VAL B 251 -1.62 27.97 24.09
N ARG B 252 -1.15 28.17 25.33
CA ARG B 252 0.19 28.63 25.59
C ARG B 252 1.17 27.63 24.98
N GLU B 253 0.93 26.34 25.19
CA GLU B 253 1.80 25.31 24.62
C GLU B 253 1.72 25.24 23.11
N LEU B 254 0.53 25.41 22.56
CA LEU B 254 0.33 25.39 21.11
C LEU B 254 1.15 26.48 20.51
N ARG B 255 1.14 27.64 21.16
CA ARG B 255 1.84 28.81 20.61
C ARG B 255 3.36 28.65 20.61
N ALA B 256 3.86 27.78 21.49
CA ALA B 256 5.27 27.46 21.53
C ALA B 256 5.76 26.80 20.23
N GLN B 257 4.86 26.06 19.58
CA GLN B 257 5.18 25.25 18.44
C GLN B 257 4.82 25.91 17.12
N ARG B 258 3.80 26.80 17.10
CA ARG B 258 3.52 27.62 15.91
C ARG B 258 2.88 28.96 16.35
N VAL B 259 3.35 30.04 15.73
CA VAL B 259 2.96 31.40 16.17
C VAL B 259 1.45 31.62 16.15
N ASN B 260 0.94 32.24 17.21
CA ASN B 260 -0.45 32.72 17.29
C ASN B 260 -1.57 31.73 17.07
N LEU B 261 -1.30 30.42 17.31
CA LEU B 261 -2.38 29.44 17.25
C LEU B 261 -3.47 29.86 18.25
N VAL B 262 -4.72 29.87 17.74
CA VAL B 262 -5.92 30.51 18.34
C VAL B 262 -5.68 32.02 18.35
N GLN B 263 -6.06 32.67 17.25
CA GLN B 263 -5.48 33.93 16.83
C GLN B 263 -6.25 35.18 17.25
N THR B 264 -7.50 35.03 17.71
CA THR B 264 -8.29 36.13 18.24
C THR B 264 -8.93 35.80 19.57
N GLU B 265 -9.33 36.85 20.27
CA GLU B 265 -9.98 36.69 21.53
C GLU B 265 -11.27 35.93 21.35
N GLU B 266 -12.00 36.27 20.29
CA GLU B 266 -13.26 35.61 19.96
C GLU B 266 -13.06 34.11 19.77
N GLN B 267 -12.00 33.74 19.07
CA GLN B 267 -11.66 32.32 18.93
C GLN B 267 -11.37 31.64 20.26
N TYR B 268 -10.65 32.33 21.13
CA TYR B 268 -10.34 31.80 22.43
C TYR B 268 -11.64 31.52 23.22
N VAL B 269 -12.59 32.43 23.16
CA VAL B 269 -13.88 32.20 23.85
C VAL B 269 -14.64 31.06 23.18
N PHE B 270 -14.61 31.02 21.86
CA PHE B 270 -15.27 29.93 21.12
C PHE B 270 -14.75 28.56 21.53
N VAL B 271 -13.45 28.45 21.73
CA VAL B 271 -12.84 27.18 22.21
C VAL B 271 -13.46 26.75 23.56
N HIS B 272 -13.64 27.71 24.46
CA HIS B 272 -14.34 27.46 25.73
C HIS B 272 -15.78 27.00 25.52
N ASP B 273 -16.53 27.77 24.75
CA ASP B 273 -17.93 27.46 24.47
C ASP B 273 -18.13 26.06 23.86
N ALA B 274 -17.27 25.71 22.91
CA ALA B 274 -17.29 24.40 22.26
C ALA B 274 -17.00 23.25 23.22
N ILE B 275 -15.97 23.42 24.02
CA ILE B 275 -15.65 22.42 25.03
C ILE B 275 -16.78 22.28 26.03
N LEU B 276 -17.34 23.39 26.51
CA LEU B 276 -18.44 23.30 27.43
C LEU B 276 -19.57 22.53 26.81
N GLU B 277 -19.94 22.83 25.56
CA GLU B 277 -21.04 22.09 24.96
C GLU B 277 -20.76 20.58 24.97
N ALA B 278 -19.57 20.20 24.54
CA ALA B 278 -19.15 18.81 24.54
C ALA B 278 -19.32 18.21 25.94
N CYS B 279 -19.00 18.97 26.96
CA CYS B 279 -19.10 18.42 28.33
C CYS B 279 -20.54 18.33 28.82
N LEU B 280 -21.43 19.16 28.27
CA LEU B 280 -22.84 19.11 28.65
C LEU B 280 -23.53 17.90 28.03
N CYS B 281 -23.35 17.72 26.73
CA CYS B 281 -24.20 16.82 25.94
C CYS B 281 -24.05 15.30 26.17
#